data_1AL7
#
_entry.id   1AL7
#
_cell.length_a   148.100
_cell.length_b   148.100
_cell.length_c   136.500
_cell.angle_alpha   90.00
_cell.angle_beta   90.00
_cell.angle_gamma   90.00
#
_symmetry.space_group_name_H-M   'I 4 2 2'
#
loop_
_entity.id
_entity.type
_entity.pdbx_description
1 polymer 'GLYCOLATE OXIDASE'
2 non-polymer 'FLAVIN MONONUCLEOTIDE'
3 non-polymer 4-CARBOXY-5-(1-PENTYL)HEXYLSULFANYL-1,2,3-TRIAZOLE
4 water water
#
_entity_poly.entity_id   1
_entity_poly.type   'polypeptide(L)'
_entity_poly.pdbx_seq_one_letter_code
;MEITNVNEYEAIAKQKLPKMVYDYYASGAEDQWTLAENRNAFSRILFRPRILIDVTNIDMTTTILGFKISMPIMIAPTAM
QKMAHPEGEYATARAASAAGTIMTLSSWATSSVEEVASTGPGIRFFQLYVYKDRNVVAQLVRRAERAGFKAIALTVDTPR
LGRREADIKNRFVLPPFLTLKNFEGIDLGKMDKANDSGLSSYVAGQIDRSLSWKDVAWLQTITSLPILVKGVITAEDARL
AVQHGAAGIIVSNHGARQLDYVPATIMALEEVVKAAQGRIPVFLDGGVRRGTDVFKALALGAAGVFIGRPVVFSLAAEGE
AGVKKVLQMMRDEFELTMALSGCRSLKEISRSHIAADWD
;
_entity_poly.pdbx_strand_id   A
#
loop_
_chem_comp.id
_chem_comp.type
_chem_comp.name
_chem_comp.formula
FMN non-polymer 'FLAVIN MONONUCLEOTIDE' 'C17 H21 N4 O9 P'
HST non-polymer 4-CARBOXY-5-(1-PENTYL)HEXYLSULFANYL-1,2,3-TRIAZOLE 'C14 H25 N3 O2 S'
#
# COMPACT_ATOMS: atom_id res chain seq x y z
N MET A 1 -15.23 18.29 -20.03
CA MET A 1 -14.14 18.13 -19.03
C MET A 1 -14.69 17.24 -17.92
N GLU A 2 -13.85 16.36 -17.38
CA GLU A 2 -14.23 15.42 -16.33
C GLU A 2 -13.00 14.56 -16.01
N ILE A 3 -12.91 14.09 -14.78
CA ILE A 3 -11.78 13.24 -14.39
C ILE A 3 -12.01 11.85 -14.97
N THR A 4 -11.06 11.40 -15.79
CA THR A 4 -11.17 10.12 -16.44
C THR A 4 -10.12 9.11 -16.03
N ASN A 5 -9.14 9.55 -15.25
CA ASN A 5 -8.09 8.63 -14.79
C ASN A 5 -7.46 9.07 -13.46
N VAL A 6 -7.03 8.10 -12.68
CA VAL A 6 -6.42 8.34 -11.37
C VAL A 6 -5.32 9.41 -11.35
N ASN A 7 -4.37 9.33 -12.29
CA ASN A 7 -3.25 10.28 -12.39
C ASN A 7 -3.64 11.75 -12.42
N GLU A 8 -4.81 12.06 -12.94
CA GLU A 8 -5.24 13.46 -13.02
C GLU A 8 -5.47 14.13 -11.66
N TYR A 9 -5.61 13.32 -10.61
CA TYR A 9 -5.82 13.85 -9.28
C TYR A 9 -4.55 14.54 -8.76
N GLU A 10 -3.39 13.99 -9.15
CA GLU A 10 -2.12 14.56 -8.71
C GLU A 10 -2.03 16.05 -9.07
N ALA A 11 -2.47 16.40 -10.27
CA ALA A 11 -2.43 17.78 -10.74
C ALA A 11 -3.30 18.71 -9.89
N ILE A 12 -4.50 18.26 -9.57
CA ILE A 12 -5.43 19.04 -8.76
C ILE A 12 -4.86 19.17 -7.35
N ALA A 13 -4.38 18.07 -6.80
CA ALA A 13 -3.81 18.05 -5.46
C ALA A 13 -2.69 19.07 -5.39
N LYS A 14 -1.82 19.04 -6.40
CA LYS A 14 -0.69 19.95 -6.52
C LYS A 14 -1.14 21.39 -6.56
N GLN A 15 -2.11 21.68 -7.41
CA GLN A 15 -2.59 23.04 -7.54
C GLN A 15 -3.32 23.59 -6.32
N LYS A 16 -3.68 22.73 -5.37
CA LYS A 16 -4.39 23.22 -4.19
C LYS A 16 -3.67 23.09 -2.86
N LEU A 17 -2.80 22.09 -2.74
CA LEU A 17 -2.05 21.85 -1.50
C LEU A 17 -0.84 22.79 -1.42
N PRO A 18 -0.37 23.06 -0.18
CA PRO A 18 0.80 23.93 0.00
C PRO A 18 2.02 23.14 -0.50
N LYS A 19 3.00 23.84 -1.07
CA LYS A 19 4.19 23.17 -1.60
C LYS A 19 4.71 22.09 -0.67
N MET A 20 4.90 22.43 0.61
CA MET A 20 5.40 21.49 1.61
C MET A 20 4.60 20.19 1.65
N VAL A 21 3.28 20.29 1.69
CA VAL A 21 2.42 19.11 1.76
C VAL A 21 2.46 18.30 0.46
N TYR A 22 2.34 18.97 -0.67
CA TYR A 22 2.37 18.27 -1.93
C TYR A 22 3.71 17.56 -2.09
N ASP A 23 4.81 18.29 -1.90
CA ASP A 23 6.13 17.70 -2.02
C ASP A 23 6.33 16.50 -1.12
N TYR A 24 5.83 16.56 0.10
CA TYR A 24 5.95 15.44 1.03
C TYR A 24 5.29 14.19 0.44
N TYR A 25 4.07 14.33 -0.10
CA TYR A 25 3.37 13.19 -0.67
C TYR A 25 3.93 12.76 -2.03
N ALA A 26 4.32 13.71 -2.84
CA ALA A 26 4.80 13.42 -4.18
C ALA A 26 6.25 13.00 -4.39
N SER A 27 7.16 13.45 -3.53
CA SER A 27 8.56 13.13 -3.72
C SER A 27 9.05 11.71 -3.52
N GLY A 28 10.14 11.40 -4.22
CA GLY A 28 10.80 10.12 -4.14
C GLY A 28 12.16 10.37 -3.47
N ALA A 29 13.01 9.36 -3.48
CA ALA A 29 14.32 9.51 -2.85
C ALA A 29 15.36 10.13 -3.77
N GLU A 30 16.06 11.12 -3.24
CA GLU A 30 17.13 11.83 -3.96
C GLU A 30 16.83 12.23 -5.40
N ASP A 31 17.48 11.60 -6.38
CA ASP A 31 17.23 11.97 -7.77
C ASP A 31 15.93 11.42 -8.36
N GLN A 32 15.21 10.67 -7.54
CA GLN A 32 13.92 10.10 -7.91
C GLN A 32 13.89 9.31 -9.21
N TRP A 33 14.85 8.40 -9.37
CA TRP A 33 14.91 7.57 -10.56
C TRP A 33 13.87 6.46 -10.49
N THR A 34 13.84 5.78 -9.34
CA THR A 34 12.90 4.69 -9.13
C THR A 34 11.47 5.17 -9.10
N LEU A 35 11.25 6.43 -8.74
CA LEU A 35 9.91 7.00 -8.71
C LEU A 35 9.38 6.93 -10.15
N ALA A 36 10.14 7.51 -11.07
CA ALA A 36 9.80 7.53 -12.47
C ALA A 36 9.71 6.10 -13.03
N GLU A 37 10.66 5.26 -12.64
CA GLU A 37 10.70 3.88 -13.10
C GLU A 37 9.50 3.04 -12.63
N ASN A 38 9.00 3.29 -11.42
CA ASN A 38 7.84 2.55 -10.89
C ASN A 38 6.68 2.64 -11.87
N ARG A 39 6.54 3.79 -12.51
CA ARG A 39 5.46 4.00 -13.47
C ARG A 39 5.85 3.47 -14.86
N ASN A 40 7.02 3.88 -15.32
CA ASN A 40 7.54 3.49 -16.64
C ASN A 40 7.71 2.00 -16.88
N ALA A 41 8.03 1.24 -15.84
CA ALA A 41 8.23 -0.18 -16.02
C ALA A 41 6.99 -0.88 -16.56
N PHE A 42 5.80 -0.50 -16.10
CA PHE A 42 4.57 -1.13 -16.58
C PHE A 42 4.45 -1.03 -18.10
N SER A 43 5.00 0.04 -18.68
CA SER A 43 4.97 0.28 -20.13
C SER A 43 5.81 -0.72 -20.91
N ARG A 44 6.57 -1.56 -20.20
CA ARG A 44 7.42 -2.54 -20.83
C ARG A 44 6.82 -3.94 -20.78
N ILE A 45 5.52 -4.02 -20.48
CA ILE A 45 4.83 -5.29 -20.42
C ILE A 45 3.62 -5.16 -21.35
N LEU A 46 3.47 -6.11 -22.27
CA LEU A 46 2.37 -6.04 -23.21
C LEU A 46 1.38 -7.18 -23.03
N PHE A 47 0.19 -6.99 -23.60
CA PHE A 47 -0.89 -7.97 -23.53
C PHE A 47 -0.92 -8.91 -24.72
N ARG A 48 -1.55 -10.05 -24.51
CA ARG A 48 -1.74 -11.08 -25.51
C ARG A 48 -3.17 -11.53 -25.26
N PRO A 49 -4.15 -10.64 -25.58
CA PRO A 49 -5.58 -10.90 -25.39
C PRO A 49 -6.17 -12.05 -26.19
N ARG A 50 -7.15 -12.71 -25.58
CA ARG A 50 -7.84 -13.80 -26.23
C ARG A 50 -9.20 -13.28 -26.65
N ILE A 51 -9.53 -13.41 -27.93
CA ILE A 51 -10.80 -12.93 -28.44
C ILE A 51 -11.88 -14.02 -28.51
N LEU A 52 -13.11 -13.61 -28.78
CA LEU A 52 -14.24 -14.53 -28.90
C LEU A 52 -14.45 -15.45 -27.71
N ILE A 53 -14.52 -14.85 -26.52
CA ILE A 53 -14.75 -15.58 -25.30
C ILE A 53 -15.93 -14.92 -24.62
N ASP A 54 -16.82 -15.73 -24.05
CA ASP A 54 -18.00 -15.19 -23.38
C ASP A 54 -17.57 -14.38 -22.16
N VAL A 55 -17.55 -13.07 -22.30
CA VAL A 55 -17.16 -12.21 -21.19
C VAL A 55 -18.35 -11.40 -20.68
N THR A 56 -19.47 -12.09 -20.51
CA THR A 56 -20.70 -11.48 -20.03
C THR A 56 -20.62 -11.08 -18.57
N ASN A 57 -20.12 -12.00 -17.74
CA ASN A 57 -19.98 -11.75 -16.32
C ASN A 57 -18.54 -11.86 -15.89
N ILE A 58 -17.99 -10.76 -15.37
CA ILE A 58 -16.62 -10.74 -14.90
C ILE A 58 -16.60 -10.77 -13.36
N ASP A 59 -15.88 -11.72 -12.79
CA ASP A 59 -15.76 -11.86 -11.35
C ASP A 59 -14.38 -11.39 -10.85
N MET A 60 -14.38 -10.30 -10.10
CA MET A 60 -13.15 -9.73 -9.55
C MET A 60 -12.97 -10.03 -8.07
N THR A 61 -13.87 -10.80 -7.48
CA THR A 61 -13.77 -11.10 -6.06
C THR A 61 -12.60 -12.03 -5.78
N THR A 62 -11.98 -11.85 -4.61
CA THR A 62 -10.86 -12.66 -4.22
C THR A 62 -10.86 -12.83 -2.70
N THR A 63 -10.13 -13.84 -2.24
CA THR A 63 -10.04 -14.13 -0.82
C THR A 63 -8.62 -13.88 -0.33
N ILE A 64 -8.46 -12.82 0.47
CA ILE A 64 -7.16 -12.46 1.03
C ILE A 64 -7.14 -12.79 2.51
N LEU A 65 -6.30 -13.74 2.88
CA LEU A 65 -6.17 -14.18 4.27
C LEU A 65 -7.50 -14.63 4.87
N GLY A 66 -8.31 -15.30 4.05
CA GLY A 66 -9.58 -15.81 4.51
C GLY A 66 -10.71 -14.83 4.30
N PHE A 67 -10.38 -13.57 4.16
CA PHE A 67 -11.38 -12.52 3.95
C PHE A 67 -11.69 -12.38 2.46
N LYS A 68 -12.97 -12.27 2.16
CA LYS A 68 -13.44 -12.13 0.78
C LYS A 68 -13.68 -10.64 0.49
N ILE A 69 -13.02 -10.13 -0.56
CA ILE A 69 -13.19 -8.73 -0.94
C ILE A 69 -13.71 -8.58 -2.38
N SER A 70 -14.24 -7.39 -2.69
CA SER A 70 -14.81 -7.09 -4.00
C SER A 70 -13.83 -7.11 -5.16
N MET A 71 -12.62 -6.63 -4.90
CA MET A 71 -11.58 -6.55 -5.93
C MET A 71 -10.17 -6.73 -5.33
N PRO A 72 -9.17 -7.02 -6.19
CA PRO A 72 -7.79 -7.19 -5.70
C PRO A 72 -7.02 -5.88 -5.67
N ILE A 73 -7.71 -4.81 -5.26
CA ILE A 73 -7.13 -3.47 -5.18
C ILE A 73 -7.40 -2.97 -3.77
N MET A 74 -6.35 -2.90 -2.97
CA MET A 74 -6.47 -2.47 -1.59
C MET A 74 -5.73 -1.16 -1.39
N ILE A 75 -5.94 -0.54 -0.23
CA ILE A 75 -5.28 0.73 0.06
C ILE A 75 -4.05 0.54 0.94
N ALA A 76 -2.94 1.14 0.52
CA ALA A 76 -1.67 1.08 1.24
C ALA A 76 -1.64 2.10 2.36
N PRO A 77 -0.84 1.85 3.41
CA PRO A 77 -0.80 2.81 4.50
C PRO A 77 0.02 4.05 4.15
N THR A 78 -0.61 5.21 4.09
CA THR A 78 0.14 6.42 3.81
C THR A 78 0.47 7.02 5.17
N ALA A 79 0.26 8.31 5.40
CA ALA A 79 0.59 8.87 6.71
C ALA A 79 0.16 10.31 6.80
N MET A 80 -0.39 10.68 7.96
CA MET A 80 -0.84 12.04 8.18
C MET A 80 -1.82 12.49 7.08
N GLN A 81 -2.82 11.66 6.81
CA GLN A 81 -3.80 11.96 5.78
C GLN A 81 -4.58 13.24 6.01
N LYS A 82 -4.69 13.68 7.26
CA LYS A 82 -5.43 14.90 7.55
C LYS A 82 -4.78 16.15 7.00
N MET A 83 -3.55 16.02 6.47
CA MET A 83 -2.87 17.16 5.87
C MET A 83 -3.50 17.41 4.49
N ALA A 84 -4.09 16.36 3.93
CA ALA A 84 -4.72 16.44 2.61
C ALA A 84 -6.18 16.89 2.66
N HIS A 85 -6.86 16.59 3.75
CA HIS A 85 -8.27 16.94 3.89
C HIS A 85 -8.64 16.79 5.35
N PRO A 86 -9.44 17.72 5.90
CA PRO A 86 -9.85 17.65 7.30
C PRO A 86 -10.27 16.27 7.80
N GLU A 87 -10.98 15.53 6.97
CA GLU A 87 -11.45 14.19 7.32
C GLU A 87 -10.38 13.10 7.27
N GLY A 88 -9.34 13.33 6.47
CA GLY A 88 -8.25 12.37 6.36
C GLY A 88 -8.59 10.89 6.36
N GLU A 89 -8.07 10.18 7.36
CA GLU A 89 -8.29 8.75 7.49
C GLU A 89 -9.76 8.34 7.54
N TYR A 90 -10.62 9.22 8.03
CA TYR A 90 -12.05 8.94 8.12
C TYR A 90 -12.63 8.70 6.73
N ALA A 91 -12.40 9.67 5.83
CA ALA A 91 -12.91 9.59 4.48
C ALA A 91 -12.37 8.34 3.81
N THR A 92 -11.09 8.09 3.98
CA THR A 92 -10.46 6.93 3.38
C THR A 92 -11.07 5.64 3.94
N ALA A 93 -11.37 5.63 5.24
CA ALA A 93 -11.94 4.46 5.90
C ALA A 93 -13.33 4.12 5.35
N ARG A 94 -14.20 5.12 5.27
CA ARG A 94 -15.55 4.91 4.77
C ARG A 94 -15.52 4.50 3.30
N ALA A 95 -14.64 5.14 2.52
CA ALA A 95 -14.51 4.84 1.10
C ALA A 95 -14.05 3.41 0.86
N ALA A 96 -13.13 2.94 1.68
CA ALA A 96 -12.61 1.57 1.55
C ALA A 96 -13.70 0.56 1.84
N SER A 97 -14.39 0.74 2.95
CA SER A 97 -15.48 -0.15 3.34
C SER A 97 -16.57 -0.19 2.27
N ALA A 98 -16.99 0.98 1.80
CA ALA A 98 -18.02 1.07 0.77
C ALA A 98 -17.58 0.36 -0.52
N ALA A 99 -16.30 0.52 -0.87
CA ALA A 99 -15.76 -0.11 -2.07
C ALA A 99 -15.68 -1.62 -1.87
N GLY A 100 -15.87 -2.09 -0.64
CA GLY A 100 -15.79 -3.50 -0.35
C GLY A 100 -14.38 -4.03 -0.30
N THR A 101 -13.42 -3.18 0.05
CA THR A 101 -12.03 -3.63 0.10
C THR A 101 -11.31 -3.32 1.43
N ILE A 102 -10.06 -3.74 1.52
CA ILE A 102 -9.23 -3.57 2.70
C ILE A 102 -8.44 -2.26 2.72
N MET A 103 -8.27 -1.69 3.91
CA MET A 103 -7.52 -0.46 4.08
C MET A 103 -6.47 -0.69 5.14
N THR A 104 -5.21 -0.39 4.82
CA THR A 104 -4.13 -0.55 5.78
C THR A 104 -3.88 0.78 6.46
N LEU A 105 -4.01 0.80 7.79
CA LEU A 105 -3.81 2.02 8.55
C LEU A 105 -2.36 2.15 8.99
N SER A 106 -1.83 3.37 8.89
CA SER A 106 -0.47 3.66 9.29
C SER A 106 -0.43 4.02 10.78
N SER A 107 0.66 3.67 11.45
CA SER A 107 0.84 3.97 12.86
C SER A 107 0.93 5.49 13.05
N TRP A 108 1.42 6.18 12.03
CA TRP A 108 1.59 7.65 12.00
C TRP A 108 0.32 8.35 11.49
N ALA A 109 -0.84 7.72 11.63
CA ALA A 109 -2.08 8.31 11.15
C ALA A 109 -2.52 9.47 12.02
N THR A 110 -3.22 10.42 11.42
CA THR A 110 -3.74 11.60 12.13
C THR A 110 -5.11 11.29 12.74
N SER A 111 -5.39 9.99 12.88
CA SER A 111 -6.61 9.43 13.44
C SER A 111 -6.18 8.12 14.09
N SER A 112 -6.83 7.72 15.17
CA SER A 112 -6.48 6.50 15.88
C SER A 112 -7.22 5.28 15.34
N VAL A 113 -6.68 4.09 15.63
CA VAL A 113 -7.31 2.86 15.19
C VAL A 113 -8.79 2.85 15.56
N GLU A 114 -9.10 3.20 16.81
CA GLU A 114 -10.48 3.22 17.26
C GLU A 114 -11.32 4.30 16.57
N GLU A 115 -10.68 5.42 16.22
CA GLU A 115 -11.39 6.49 15.51
C GLU A 115 -11.83 5.95 14.16
N VAL A 116 -10.91 5.25 13.48
CA VAL A 116 -11.19 4.67 12.18
C VAL A 116 -12.27 3.59 12.29
N ALA A 117 -12.13 2.73 13.30
CA ALA A 117 -13.07 1.63 13.53
C ALA A 117 -14.52 2.07 13.69
N SER A 118 -14.72 3.27 14.22
CA SER A 118 -16.07 3.78 14.43
C SER A 118 -16.80 4.16 13.15
N THR A 119 -16.06 4.48 12.09
CA THR A 119 -16.69 4.85 10.83
C THR A 119 -17.71 3.80 10.39
N GLY A 120 -17.38 2.54 10.59
CA GLY A 120 -18.27 1.47 10.22
C GLY A 120 -17.51 0.17 10.09
N PRO A 121 -18.19 -0.94 9.80
CA PRO A 121 -17.49 -2.21 9.65
C PRO A 121 -16.67 -2.30 8.36
N GLY A 122 -15.57 -3.03 8.41
CA GLY A 122 -14.72 -3.21 7.25
C GLY A 122 -13.45 -3.96 7.64
N ILE A 123 -12.86 -4.67 6.69
CA ILE A 123 -11.64 -5.43 6.96
C ILE A 123 -10.48 -4.45 6.88
N ARG A 124 -9.72 -4.35 7.97
CA ARG A 124 -8.60 -3.42 8.02
C ARG A 124 -7.31 -4.06 8.53
N PHE A 125 -6.19 -3.56 8.04
CA PHE A 125 -4.87 -4.04 8.43
C PHE A 125 -4.15 -2.88 9.12
N PHE A 126 -3.21 -3.20 10.01
CA PHE A 126 -2.47 -2.16 10.72
C PHE A 126 -1.00 -2.26 10.37
N GLN A 127 -0.43 -1.14 9.95
CA GLN A 127 0.98 -1.07 9.57
C GLN A 127 1.75 -0.58 10.79
N LEU A 128 2.89 -1.18 11.05
CA LEU A 128 3.65 -0.82 12.22
C LEU A 128 5.16 -1.06 12.05
N TYR A 129 5.96 -0.38 12.88
CA TYR A 129 7.42 -0.52 12.87
C TYR A 129 7.82 -0.94 14.28
N VAL A 130 8.71 -1.91 14.40
CA VAL A 130 9.14 -2.33 15.74
C VAL A 130 10.04 -1.23 16.33
N TYR A 131 9.45 -0.37 17.15
CA TYR A 131 10.19 0.72 17.77
C TYR A 131 11.10 0.24 18.90
N LYS A 132 12.03 1.10 19.32
CA LYS A 132 12.96 0.78 20.39
C LYS A 132 12.17 0.38 21.64
N ASP A 133 11.16 1.16 21.96
CA ASP A 133 10.32 0.88 23.11
C ASP A 133 9.35 -0.23 22.71
N ARG A 134 9.79 -1.48 22.87
CA ARG A 134 8.98 -2.65 22.54
C ARG A 134 7.64 -2.60 23.26
N ASN A 135 7.62 -1.94 24.41
CA ASN A 135 6.40 -1.82 25.20
C ASN A 135 5.36 -1.00 24.44
N VAL A 136 5.82 0.01 23.71
CA VAL A 136 4.92 0.85 22.92
C VAL A 136 4.37 0.02 21.77
N VAL A 137 5.19 -0.88 21.23
CA VAL A 137 4.76 -1.74 20.13
C VAL A 137 3.66 -2.69 20.61
N ALA A 138 3.86 -3.28 21.78
CA ALA A 138 2.89 -4.20 22.38
C ALA A 138 1.55 -3.48 22.54
N GLN A 139 1.62 -2.27 23.07
CA GLN A 139 0.42 -1.48 23.29
C GLN A 139 -0.31 -1.21 21.97
N LEU A 140 0.44 -0.81 20.93
CA LEU A 140 -0.17 -0.54 19.63
C LEU A 140 -0.87 -1.77 19.05
N VAL A 141 -0.23 -2.93 19.16
CA VAL A 141 -0.80 -4.17 18.67
C VAL A 141 -2.09 -4.50 19.40
N ARG A 142 -2.02 -4.48 20.73
CA ARG A 142 -3.18 -4.77 21.58
C ARG A 142 -4.34 -3.82 21.25
N ARG A 143 -3.99 -2.56 21.02
CA ARG A 143 -4.97 -1.54 20.70
C ARG A 143 -5.62 -1.80 19.33
N ALA A 144 -4.85 -2.32 18.39
CA ALA A 144 -5.35 -2.62 17.04
C ALA A 144 -6.30 -3.81 17.09
N GLU A 145 -5.93 -4.83 17.87
CA GLU A 145 -6.74 -6.03 18.02
C GLU A 145 -8.13 -5.71 18.59
N ARG A 146 -8.16 -4.80 19.57
CA ARG A 146 -9.43 -4.39 20.16
C ARG A 146 -10.31 -3.72 19.11
N ALA A 147 -9.70 -2.87 18.28
CA ALA A 147 -10.44 -2.17 17.24
C ALA A 147 -10.86 -3.11 16.11
N GLY A 148 -10.48 -4.38 16.23
CA GLY A 148 -10.87 -5.37 15.23
C GLY A 148 -10.05 -5.43 13.96
N PHE A 149 -8.80 -4.98 14.00
CA PHE A 149 -7.94 -5.04 12.82
C PHE A 149 -7.54 -6.49 12.61
N LYS A 150 -7.66 -6.95 11.36
CA LYS A 150 -7.40 -8.32 10.97
C LYS A 150 -5.97 -8.81 10.79
N ALA A 151 -5.03 -7.90 10.56
CA ALA A 151 -3.64 -8.29 10.39
C ALA A 151 -2.65 -7.17 10.64
N ILE A 152 -1.38 -7.53 10.82
CA ILE A 152 -0.32 -6.55 11.07
C ILE A 152 0.63 -6.58 9.89
N ALA A 153 0.87 -5.41 9.31
CA ALA A 153 1.78 -5.28 8.18
C ALA A 153 3.06 -4.62 8.71
N LEU A 154 4.10 -5.44 8.88
CA LEU A 154 5.38 -4.97 9.38
C LEU A 154 6.25 -4.45 8.25
N THR A 155 6.61 -3.18 8.31
CA THR A 155 7.45 -2.57 7.27
C THR A 155 8.91 -2.74 7.64
N VAL A 156 9.65 -3.45 6.80
CA VAL A 156 11.06 -3.73 7.02
C VAL A 156 12.05 -3.01 6.10
N ASP A 157 11.63 -1.95 5.43
CA ASP A 157 12.52 -1.25 4.52
C ASP A 157 12.93 0.17 4.95
N THR A 158 12.66 0.50 6.21
CA THR A 158 13.00 1.82 6.73
C THR A 158 13.84 1.79 8.03
N PRO A 159 15.02 1.12 8.00
CA PRO A 159 15.83 1.08 9.23
C PRO A 159 16.27 2.53 9.49
N ARG A 160 16.36 3.29 8.41
CA ARG A 160 16.71 4.70 8.46
C ARG A 160 15.94 5.35 7.32
N LEU A 161 15.50 6.59 7.52
CA LEU A 161 14.75 7.32 6.50
C LEU A 161 15.55 7.66 5.26
N GLY A 162 14.90 7.59 4.10
CA GLY A 162 15.57 7.94 2.86
C GLY A 162 15.67 9.46 2.78
N ARG A 163 16.50 9.96 1.86
CA ARG A 163 16.65 11.40 1.72
C ARG A 163 15.72 11.95 0.64
N ARG A 164 14.59 12.50 1.05
CA ARG A 164 13.65 13.10 0.12
C ARG A 164 14.05 14.56 0.21
N GLU A 165 14.89 14.98 -0.72
CA GLU A 165 15.43 16.32 -0.71
C GLU A 165 14.45 17.48 -0.65
N ALA A 166 13.33 17.36 -1.33
CA ALA A 166 12.35 18.45 -1.31
C ALA A 166 11.96 18.79 0.13
N ASP A 167 11.80 17.76 0.97
CA ASP A 167 11.42 17.96 2.37
C ASP A 167 12.50 18.75 3.11
N ILE A 168 13.76 18.45 2.81
CA ILE A 168 14.88 19.13 3.43
C ILE A 168 14.89 20.61 3.03
N LYS A 169 14.74 20.87 1.75
CA LYS A 169 14.71 22.25 1.29
C LYS A 169 13.52 23.01 1.84
N ASN A 170 12.39 22.30 1.99
CA ASN A 170 11.15 22.88 2.51
C ASN A 170 11.12 23.03 4.03
N ARG A 171 11.91 22.20 4.73
CA ARG A 171 11.94 22.19 6.18
C ARG A 171 10.55 21.76 6.65
N PHE A 172 10.19 20.55 6.25
CA PHE A 172 8.90 19.95 6.54
C PHE A 172 8.62 19.80 8.02
N VAL A 173 7.40 20.19 8.41
CA VAL A 173 6.92 20.12 9.79
C VAL A 173 5.43 19.78 9.77
N LEU A 174 4.97 19.04 10.76
CA LEU A 174 3.56 18.66 10.85
C LEU A 174 2.75 19.88 11.25
N PRO A 175 1.71 20.22 10.47
CA PRO A 175 0.90 21.38 10.80
C PRO A 175 0.38 21.34 12.25
N PRO A 176 0.25 22.53 12.87
CA PRO A 176 -0.18 22.77 14.25
C PRO A 176 -1.24 21.89 14.92
N PHE A 177 -2.41 21.78 14.31
CA PHE A 177 -3.49 21.02 14.93
C PHE A 177 -3.55 19.50 14.71
N LEU A 178 -2.64 18.97 13.91
CA LEU A 178 -2.66 17.53 13.65
C LEU A 178 -1.86 16.78 14.69
N THR A 179 -2.23 15.52 14.91
CA THR A 179 -1.58 14.69 15.90
C THR A 179 -1.53 13.21 15.50
N LEU A 180 -0.44 12.54 15.88
CA LEU A 180 -0.29 11.12 15.61
C LEU A 180 -1.14 10.42 16.68
N LYS A 181 -2.44 10.42 16.45
CA LYS A 181 -3.42 9.86 17.38
C LYS A 181 -3.19 8.49 18.01
N ASN A 182 -2.52 7.58 17.31
CA ASN A 182 -2.26 6.25 17.87
C ASN A 182 -1.26 6.30 19.01
N PHE A 183 -0.47 7.36 19.05
CA PHE A 183 0.54 7.51 20.10
C PHE A 183 -0.01 8.33 21.25
N GLU A 184 -1.18 8.92 21.01
CA GLU A 184 -1.85 9.70 22.03
C GLU A 184 -2.70 8.68 22.79
N GLY A 185 -2.40 8.50 24.07
CA GLY A 185 -3.14 7.56 24.88
C GLY A 185 -2.23 6.52 25.50
N ILE A 186 -1.40 6.02 25.13
CA ILE A 186 -0.72 4.90 25.78
C ILE A 186 0.65 5.38 26.22
N ASP A 187 1.28 4.55 27.04
CA ASP A 187 2.59 4.89 27.63
C ASP A 187 3.80 4.96 26.94
N LEU A 188 4.31 6.16 26.73
CA LEU A 188 5.40 6.44 25.98
C LEU A 188 6.78 6.47 27.01
N GLY A 198 6.85 17.47 18.95
CA GLY A 198 6.74 16.60 20.02
C GLY A 198 6.74 15.21 19.55
N LEU A 199 5.32 14.74 19.22
CA LEU A 199 5.13 13.36 18.76
C LEU A 199 5.91 13.06 17.48
N SER A 200 6.14 14.05 16.63
CA SER A 200 6.87 13.86 15.38
C SER A 200 8.34 13.61 15.61
N SER A 201 8.83 14.16 16.88
CA SER A 201 10.28 14.01 16.87
C SER A 201 10.74 12.71 17.53
N TYR A 202 10.05 12.33 18.60
CA TYR A 202 10.37 11.12 19.36
C TYR A 202 10.06 9.86 18.55
N VAL A 203 8.87 9.81 17.95
CA VAL A 203 8.46 8.65 17.18
C VAL A 203 9.46 8.42 16.04
N ALA A 204 9.99 9.51 15.49
CA ALA A 204 10.98 9.45 14.42
C ALA A 204 12.29 8.97 15.04
N GLY A 205 12.54 9.40 16.27
CA GLY A 205 13.74 8.99 16.98
C GLY A 205 13.60 7.61 17.63
N GLN A 206 12.39 7.05 17.58
CA GLN A 206 12.12 5.73 18.15
C GLN A 206 12.43 4.58 17.19
N ILE A 207 12.80 4.91 15.96
CA ILE A 207 13.11 3.90 14.98
C ILE A 207 14.27 3.04 15.47
N ASP A 208 14.04 1.73 15.51
CA ASP A 208 15.06 0.80 15.95
C ASP A 208 15.75 0.23 14.71
N ARG A 209 17.02 0.55 14.54
CA ARG A 209 17.76 0.06 13.37
C ARG A 209 18.54 -1.23 13.60
N SER A 210 18.27 -1.90 14.71
CA SER A 210 18.97 -3.16 15.01
C SER A 210 18.12 -4.36 14.68
N LEU A 211 16.91 -4.09 14.18
CA LEU A 211 15.96 -5.13 13.83
C LEU A 211 16.53 -6.18 12.91
N SER A 212 16.22 -7.43 13.18
CA SER A 212 16.67 -8.54 12.36
C SER A 212 15.56 -9.58 12.43
N TRP A 213 15.74 -10.69 11.74
CA TRP A 213 14.72 -11.72 11.73
C TRP A 213 14.19 -12.23 13.08
N LYS A 214 15.00 -12.15 14.13
CA LYS A 214 14.55 -12.61 15.45
C LYS A 214 13.47 -11.69 16.02
N ASP A 215 13.48 -10.44 15.60
CA ASP A 215 12.49 -9.49 16.07
C ASP A 215 11.15 -9.78 15.41
N VAL A 216 11.19 -10.46 14.26
CA VAL A 216 9.97 -10.83 13.57
C VAL A 216 9.29 -11.89 14.43
N ALA A 217 10.12 -12.80 14.94
CA ALA A 217 9.67 -13.88 15.82
C ALA A 217 9.07 -13.25 17.07
N TRP A 218 9.76 -12.24 17.60
CA TRP A 218 9.27 -11.56 18.79
C TRP A 218 7.85 -11.04 18.59
N LEU A 219 7.59 -10.42 17.45
CA LEU A 219 6.26 -9.89 17.17
C LEU A 219 5.25 -11.01 17.23
N GLN A 220 5.64 -12.17 16.71
CA GLN A 220 4.79 -13.34 16.68
C GLN A 220 4.46 -13.90 18.07
N THR A 221 5.24 -13.52 19.09
CA THR A 221 4.95 -14.00 20.44
C THR A 221 4.07 -13.04 21.23
N ILE A 222 3.74 -11.89 20.65
CA ILE A 222 2.87 -10.93 21.34
C ILE A 222 1.55 -10.70 20.59
N THR A 223 1.36 -11.40 19.48
CA THR A 223 0.12 -11.28 18.71
C THR A 223 -0.08 -12.54 17.88
N SER A 224 -1.34 -12.87 17.62
CA SER A 224 -1.68 -14.06 16.85
C SER A 224 -2.14 -13.65 15.46
N LEU A 225 -2.16 -12.35 15.21
CA LEU A 225 -2.57 -11.84 13.93
C LEU A 225 -1.51 -12.18 12.87
N PRO A 226 -1.94 -12.43 11.63
CA PRO A 226 -1.03 -12.76 10.53
C PRO A 226 -0.11 -11.56 10.32
N ILE A 227 1.18 -11.83 10.12
CA ILE A 227 2.16 -10.76 9.93
C ILE A 227 2.55 -10.68 8.45
N LEU A 228 2.40 -9.50 7.87
CA LEU A 228 2.77 -9.28 6.47
C LEU A 228 4.05 -8.44 6.42
N VAL A 229 5.08 -8.96 5.77
CA VAL A 229 6.34 -8.22 5.65
C VAL A 229 6.26 -7.30 4.44
N LYS A 230 6.38 -6.00 4.67
CA LYS A 230 6.30 -5.02 3.61
C LYS A 230 7.67 -4.45 3.34
N GLY A 231 8.14 -4.61 2.10
CA GLY A 231 9.45 -4.09 1.73
C GLY A 231 10.46 -5.14 1.31
N VAL A 232 9.99 -6.27 0.80
CA VAL A 232 10.88 -7.32 0.34
C VAL A 232 11.01 -7.22 -1.18
N ILE A 233 12.24 -7.15 -1.70
CA ILE A 233 12.41 -7.08 -3.15
C ILE A 233 13.45 -8.02 -3.74
N THR A 234 13.98 -8.94 -2.95
CA THR A 234 14.97 -9.90 -3.43
C THR A 234 14.46 -11.31 -3.10
N ALA A 235 14.82 -12.29 -3.90
CA ALA A 235 14.40 -13.67 -3.67
C ALA A 235 14.99 -14.23 -2.39
N GLU A 236 16.13 -13.70 -1.98
CA GLU A 236 16.82 -14.16 -0.78
C GLU A 236 16.02 -13.84 0.48
N ASP A 237 15.51 -12.62 0.55
CA ASP A 237 14.72 -12.20 1.69
C ASP A 237 13.34 -12.85 1.66
N ALA A 238 12.79 -13.05 0.46
CA ALA A 238 11.49 -13.68 0.31
C ALA A 238 11.47 -15.06 0.95
N ARG A 239 12.57 -15.81 0.76
CA ARG A 239 12.68 -17.15 1.36
C ARG A 239 12.75 -17.06 2.89
N LEU A 240 13.52 -16.10 3.38
CA LEU A 240 13.67 -15.89 4.81
C LEU A 240 12.31 -15.51 5.42
N ALA A 241 11.57 -14.65 4.72
CA ALA A 241 10.26 -14.22 5.19
C ALA A 241 9.38 -15.46 5.35
N VAL A 242 9.48 -16.38 4.41
CA VAL A 242 8.70 -17.62 4.48
C VAL A 242 9.16 -18.46 5.68
N GLN A 243 10.45 -18.68 5.80
CA GLN A 243 11.00 -19.45 6.91
C GLN A 243 10.61 -18.91 8.28
N HIS A 244 10.53 -17.59 8.40
CA HIS A 244 10.20 -16.94 9.66
C HIS A 244 8.72 -16.67 9.90
N GLY A 245 7.88 -17.58 9.41
CA GLY A 245 6.44 -17.49 9.61
C GLY A 245 5.65 -16.29 9.10
N ALA A 246 6.11 -15.67 8.02
CA ALA A 246 5.40 -14.54 7.47
C ALA A 246 4.10 -15.08 6.86
N ALA A 247 3.02 -14.34 7.06
CA ALA A 247 1.71 -14.72 6.54
C ALA A 247 1.60 -14.33 5.06
N GLY A 248 2.45 -13.40 4.64
CA GLY A 248 2.44 -12.96 3.26
C GLY A 248 3.54 -11.94 3.06
N ILE A 249 3.94 -11.75 1.81
CA ILE A 249 5.01 -10.82 1.47
C ILE A 249 4.47 -9.70 0.60
N ILE A 250 4.87 -8.47 0.88
CA ILE A 250 4.44 -7.35 0.06
C ILE A 250 5.67 -6.75 -0.65
N VAL A 251 5.82 -7.07 -1.95
CA VAL A 251 6.91 -6.55 -2.75
C VAL A 251 6.68 -5.04 -2.82
N SER A 252 7.59 -4.29 -2.22
CA SER A 252 7.47 -2.84 -2.18
C SER A 252 8.83 -2.16 -2.07
N ASN A 253 8.94 -0.97 -2.65
CA ASN A 253 10.15 -0.19 -2.58
C ASN A 253 9.82 1.14 -1.92
N HIS A 254 8.77 1.09 -1.11
CA HIS A 254 8.26 2.21 -0.33
C HIS A 254 7.84 3.38 -1.18
N GLY A 255 7.34 3.13 -2.39
CA GLY A 255 6.93 4.21 -3.25
C GLY A 255 8.15 5.01 -3.69
N ALA A 256 9.29 4.32 -3.78
CA ALA A 256 10.57 4.91 -4.20
C ALA A 256 11.07 6.04 -3.30
N ARG A 257 10.74 5.99 -2.03
CA ARG A 257 11.15 7.04 -1.10
C ARG A 257 12.32 6.69 -0.19
N GLN A 258 12.82 5.47 -0.32
CA GLN A 258 13.93 5.04 0.51
C GLN A 258 15.28 5.01 -0.21
N LEU A 259 15.64 3.87 -0.77
CA LEU A 259 16.89 3.73 -1.47
C LEU A 259 16.63 3.86 -2.97
N ASP A 260 17.14 4.93 -3.58
CA ASP A 260 16.95 5.10 -5.01
C ASP A 260 17.79 4.09 -5.76
N TYR A 261 17.35 3.75 -6.97
CA TYR A 261 18.02 2.77 -7.83
C TYR A 261 17.70 1.32 -7.51
N VAL A 262 16.60 1.12 -6.77
CA VAL A 262 16.09 -0.22 -6.49
C VAL A 262 15.14 -0.39 -7.69
N PRO A 263 15.02 -1.62 -8.23
CA PRO A 263 14.12 -1.79 -9.37
C PRO A 263 12.65 -1.48 -9.12
N ALA A 264 11.90 -1.35 -10.21
CA ALA A 264 10.47 -1.09 -10.12
C ALA A 264 9.87 -2.36 -9.55
N THR A 265 8.89 -2.21 -8.66
CA THR A 265 8.26 -3.38 -8.03
C THR A 265 7.74 -4.38 -9.04
N ILE A 266 7.23 -3.90 -10.16
CA ILE A 266 6.71 -4.78 -11.20
C ILE A 266 7.79 -5.67 -11.81
N MET A 267 9.03 -5.16 -11.85
CA MET A 267 10.16 -5.91 -12.39
C MET A 267 10.69 -6.93 -11.39
N ALA A 268 10.68 -6.57 -10.11
CA ALA A 268 11.17 -7.45 -9.06
C ALA A 268 10.19 -8.53 -8.64
N LEU A 269 8.90 -8.23 -8.78
CA LEU A 269 7.81 -9.13 -8.41
C LEU A 269 7.97 -10.62 -8.70
N GLU A 270 8.20 -10.98 -9.97
CA GLU A 270 8.32 -12.38 -10.38
C GLU A 270 9.40 -13.15 -9.62
N GLU A 271 10.50 -12.48 -9.32
CA GLU A 271 11.59 -13.13 -8.60
C GLU A 271 11.11 -13.51 -7.20
N VAL A 272 10.33 -12.62 -6.60
CA VAL A 272 9.79 -12.83 -5.25
C VAL A 272 8.70 -13.90 -5.26
N VAL A 273 7.86 -13.87 -6.29
CA VAL A 273 6.78 -14.86 -6.43
C VAL A 273 7.38 -16.27 -6.51
N LYS A 274 8.40 -16.44 -7.32
CA LYS A 274 9.05 -17.74 -7.47
C LYS A 274 9.72 -18.21 -6.21
N ALA A 275 10.30 -17.28 -5.45
CA ALA A 275 10.98 -17.61 -4.22
C ALA A 275 9.99 -18.13 -3.19
N ALA A 276 8.79 -17.54 -3.17
CA ALA A 276 7.73 -17.92 -2.24
C ALA A 276 7.19 -19.34 -2.48
N GLN A 277 7.34 -19.84 -3.70
CA GLN A 277 6.89 -21.19 -4.05
C GLN A 277 5.43 -21.48 -3.70
N GLY A 278 4.57 -20.47 -3.80
CA GLY A 278 3.15 -20.64 -3.51
C GLY A 278 2.81 -20.94 -2.07
N ARG A 279 3.77 -20.78 -1.18
CA ARG A 279 3.56 -21.05 0.24
C ARG A 279 2.74 -19.96 0.92
N ILE A 280 2.91 -18.73 0.47
CA ILE A 280 2.18 -17.60 1.03
C ILE A 280 1.91 -16.58 -0.07
N PRO A 281 0.88 -15.74 0.11
CA PRO A 281 0.54 -14.72 -0.89
C PRO A 281 1.61 -13.65 -1.02
N VAL A 282 1.84 -13.22 -2.26
CA VAL A 282 2.80 -12.16 -2.55
C VAL A 282 1.98 -11.03 -3.16
N PHE A 283 2.07 -9.83 -2.59
CA PHE A 283 1.35 -8.66 -3.08
C PHE A 283 2.37 -7.67 -3.63
N LEU A 284 1.88 -6.54 -4.13
CA LEU A 284 2.73 -5.49 -4.69
C LEU A 284 2.10 -4.12 -4.57
N ASP A 285 2.94 -3.10 -4.52
CA ASP A 285 2.49 -1.72 -4.49
C ASP A 285 3.56 -0.88 -5.17
N GLY A 286 3.24 0.38 -5.48
CA GLY A 286 4.19 1.24 -6.13
C GLY A 286 3.97 1.39 -7.62
N GLY A 287 3.47 2.56 -8.02
CA GLY A 287 3.24 2.82 -9.43
C GLY A 287 1.89 2.42 -10.01
N VAL A 288 1.11 1.64 -9.25
CA VAL A 288 -0.19 1.21 -9.73
C VAL A 288 -1.12 2.43 -9.87
N ARG A 289 -1.60 2.64 -11.09
CA ARG A 289 -2.47 3.76 -11.39
C ARG A 289 -3.56 3.41 -12.40
N ARG A 290 -3.45 2.25 -13.02
CA ARG A 290 -4.41 1.82 -14.05
C ARG A 290 -4.83 0.36 -13.87
N GLY A 291 -6.02 0.03 -14.39
CA GLY A 291 -6.50 -1.34 -14.32
C GLY A 291 -5.56 -2.24 -15.09
N THR A 292 -4.95 -1.72 -16.15
CA THR A 292 -3.98 -2.49 -16.94
C THR A 292 -2.79 -2.82 -16.04
N ASP A 293 -2.45 -1.89 -15.14
CA ASP A 293 -1.35 -2.12 -14.20
C ASP A 293 -1.73 -3.30 -13.31
N VAL A 294 -2.98 -3.30 -12.84
CA VAL A 294 -3.48 -4.35 -11.97
C VAL A 294 -3.44 -5.72 -12.65
N PHE A 295 -3.90 -5.80 -13.90
CA PHE A 295 -3.90 -7.06 -14.62
C PHE A 295 -2.47 -7.60 -14.77
N LYS A 296 -1.50 -6.74 -15.06
CA LYS A 296 -0.12 -7.20 -15.23
C LYS A 296 0.48 -7.74 -13.92
N ALA A 297 0.23 -7.05 -12.82
CA ALA A 297 0.76 -7.49 -11.52
C ALA A 297 0.22 -8.87 -11.17
N LEU A 298 -1.08 -9.09 -11.43
CA LEU A 298 -1.71 -10.37 -11.14
C LEU A 298 -1.27 -11.47 -12.10
N ALA A 299 -1.06 -11.11 -13.36
CA ALA A 299 -0.61 -12.06 -14.36
C ALA A 299 0.81 -12.52 -14.05
N LEU A 300 1.52 -11.72 -13.27
CA LEU A 300 2.89 -12.01 -12.88
C LEU A 300 2.97 -12.80 -11.58
N GLY A 301 1.82 -13.07 -10.95
CA GLY A 301 1.81 -13.84 -9.72
C GLY A 301 1.24 -13.18 -8.48
N ALA A 302 1.13 -11.85 -8.47
CA ALA A 302 0.61 -11.14 -7.30
C ALA A 302 -0.83 -11.52 -6.97
N ALA A 303 -1.13 -11.64 -5.69
CA ALA A 303 -2.46 -11.99 -5.21
C ALA A 303 -3.37 -10.77 -5.14
N GLY A 304 -2.75 -9.59 -5.18
CA GLY A 304 -3.49 -8.35 -5.14
C GLY A 304 -2.49 -7.21 -5.09
N VAL A 305 -2.99 -5.99 -5.13
CA VAL A 305 -2.11 -4.82 -5.10
C VAL A 305 -2.59 -3.76 -4.13
N PHE A 306 -1.71 -2.83 -3.79
CA PHE A 306 -2.03 -1.74 -2.88
C PHE A 306 -1.67 -0.43 -3.55
N ILE A 307 -2.46 0.60 -3.28
CA ILE A 307 -2.21 1.92 -3.85
C ILE A 307 -1.98 2.94 -2.73
N GLY A 308 -1.02 3.84 -2.96
CA GLY A 308 -0.70 4.84 -1.96
C GLY A 308 -1.09 6.26 -2.34
N ARG A 309 -0.17 6.96 -3.02
CA ARG A 309 -0.38 8.33 -3.43
C ARG A 309 -1.76 8.70 -4.00
N PRO A 310 -2.34 7.84 -4.86
CA PRO A 310 -3.66 8.15 -5.43
C PRO A 310 -4.69 8.51 -4.37
N VAL A 311 -4.60 7.86 -3.20
CA VAL A 311 -5.52 8.12 -2.09
C VAL A 311 -5.39 9.55 -1.56
N VAL A 312 -4.17 9.96 -1.21
CA VAL A 312 -3.95 11.30 -0.68
C VAL A 312 -4.24 12.41 -1.69
N PHE A 313 -3.93 12.17 -2.96
CA PHE A 313 -4.19 13.18 -4.00
C PHE A 313 -5.70 13.37 -4.18
N SER A 314 -6.43 12.27 -4.33
CA SER A 314 -7.87 12.35 -4.51
C SER A 314 -8.55 12.94 -3.28
N LEU A 315 -8.00 12.61 -2.11
CA LEU A 315 -8.49 13.09 -0.83
C LEU A 315 -8.39 14.62 -0.77
N ALA A 316 -7.26 15.14 -1.22
CA ALA A 316 -7.04 16.58 -1.23
C ALA A 316 -7.99 17.27 -2.19
N ALA A 317 -8.23 16.65 -3.34
CA ALA A 317 -9.11 17.21 -4.35
C ALA A 317 -10.60 17.18 -4.04
N GLU A 318 -11.11 16.02 -3.62
CA GLU A 318 -12.54 15.89 -3.34
C GLU A 318 -12.88 15.10 -2.08
N GLY A 319 -11.97 15.04 -1.12
CA GLY A 319 -12.26 14.30 0.09
C GLY A 319 -12.70 12.87 -0.22
N GLU A 320 -13.64 12.35 0.58
CA GLU A 320 -14.12 10.98 0.40
C GLU A 320 -14.60 10.66 -1.03
N ALA A 321 -15.33 11.58 -1.64
CA ALA A 321 -15.82 11.39 -3.00
C ALA A 321 -14.65 11.09 -3.92
N GLY A 322 -13.54 11.80 -3.71
CA GLY A 322 -12.36 11.60 -4.52
C GLY A 322 -11.84 10.18 -4.38
N VAL A 323 -11.75 9.71 -3.14
CA VAL A 323 -11.27 8.36 -2.87
C VAL A 323 -12.22 7.32 -3.46
N LYS A 324 -13.52 7.56 -3.34
CA LYS A 324 -14.51 6.65 -3.90
C LYS A 324 -14.33 6.63 -5.43
N LYS A 325 -14.10 7.81 -6.00
CA LYS A 325 -13.90 7.95 -7.44
C LYS A 325 -12.68 7.18 -7.91
N VAL A 326 -11.59 7.26 -7.15
CA VAL A 326 -10.36 6.56 -7.50
C VAL A 326 -10.57 5.04 -7.48
N LEU A 327 -11.25 4.55 -6.46
CA LEU A 327 -11.50 3.12 -6.35
C LEU A 327 -12.44 2.60 -7.44
N GLN A 328 -13.44 3.40 -7.81
CA GLN A 328 -14.38 3.00 -8.85
C GLN A 328 -13.68 2.96 -10.21
N MET A 329 -12.96 4.03 -10.54
CA MET A 329 -12.23 4.10 -11.81
C MET A 329 -11.32 2.88 -11.96
N MET A 330 -10.54 2.60 -10.91
CA MET A 330 -9.65 1.46 -10.98
C MET A 330 -10.34 0.12 -11.19
N ARG A 331 -11.44 -0.14 -10.48
CA ARG A 331 -12.14 -1.43 -10.67
C ARG A 331 -12.75 -1.50 -12.07
N ASP A 332 -13.27 -0.37 -12.56
CA ASP A 332 -13.86 -0.31 -13.88
C ASP A 332 -12.81 -0.63 -14.93
N GLU A 333 -11.65 0.02 -14.81
CA GLU A 333 -10.57 -0.20 -15.75
C GLU A 333 -10.08 -1.63 -15.70
N PHE A 334 -10.00 -2.17 -14.50
CA PHE A 334 -9.54 -3.54 -14.32
C PHE A 334 -10.53 -4.53 -14.98
N GLU A 335 -11.81 -4.27 -14.80
CA GLU A 335 -12.87 -5.12 -15.35
C GLU A 335 -12.78 -5.14 -16.86
N LEU A 336 -12.75 -3.96 -17.46
CA LEU A 336 -12.67 -3.84 -18.90
C LEU A 336 -11.41 -4.51 -19.44
N THR A 337 -10.34 -4.53 -18.66
CA THR A 337 -9.10 -5.17 -19.09
C THR A 337 -9.29 -6.67 -19.10
N MET A 338 -9.94 -7.20 -18.06
CA MET A 338 -10.20 -8.64 -17.98
C MET A 338 -11.10 -9.06 -19.14
N ALA A 339 -12.12 -8.25 -19.39
CA ALA A 339 -13.07 -8.49 -20.46
C ALA A 339 -12.36 -8.57 -21.81
N LEU A 340 -11.54 -7.56 -22.12
CA LEU A 340 -10.80 -7.53 -23.38
C LEU A 340 -9.69 -8.59 -23.49
N SER A 341 -9.24 -9.10 -22.36
CA SER A 341 -8.20 -10.14 -22.37
C SER A 341 -8.83 -11.53 -22.45
N GLY A 342 -10.12 -11.61 -22.13
CA GLY A 342 -10.83 -12.88 -22.19
C GLY A 342 -10.79 -13.64 -20.88
N CYS A 343 -10.74 -12.91 -19.77
CA CYS A 343 -10.69 -13.51 -18.44
C CYS A 343 -11.95 -13.21 -17.63
N ARG A 344 -12.69 -14.26 -17.30
CA ARG A 344 -13.94 -14.12 -16.55
C ARG A 344 -13.79 -14.11 -15.02
N SER A 345 -12.63 -14.53 -14.53
CA SER A 345 -12.38 -14.54 -13.09
C SER A 345 -10.89 -14.35 -12.90
N LEU A 346 -10.48 -14.05 -11.67
CA LEU A 346 -9.06 -13.84 -11.38
C LEU A 346 -8.24 -15.10 -11.67
N LYS A 347 -8.85 -16.25 -11.44
CA LYS A 347 -8.21 -17.54 -11.66
C LYS A 347 -7.89 -17.73 -13.13
N GLU A 348 -8.61 -17.03 -14.01
CA GLU A 348 -8.38 -17.16 -15.44
C GLU A 348 -7.21 -16.34 -15.98
N ILE A 349 -6.69 -15.41 -15.18
CA ILE A 349 -5.58 -14.59 -15.62
C ILE A 349 -4.34 -15.46 -15.56
N SER A 350 -3.53 -15.42 -16.60
CA SER A 350 -2.34 -16.24 -16.64
C SER A 350 -1.15 -15.50 -17.20
N ARG A 351 0.03 -16.07 -16.98
CA ARG A 351 1.29 -15.51 -17.47
C ARG A 351 1.29 -15.39 -19.00
N SER A 352 0.56 -16.28 -19.66
CA SER A 352 0.46 -16.29 -21.12
C SER A 352 -0.38 -15.16 -21.69
N HIS A 353 -1.09 -14.45 -20.82
CA HIS A 353 -1.92 -13.34 -21.25
C HIS A 353 -1.07 -12.07 -21.28
N ILE A 354 0.19 -12.20 -20.89
CA ILE A 354 1.10 -11.08 -20.80
C ILE A 354 2.41 -11.39 -21.55
N ALA A 355 3.17 -10.33 -21.84
CA ALA A 355 4.45 -10.46 -22.55
C ALA A 355 5.39 -9.37 -22.06
N ALA A 356 6.40 -9.76 -21.29
CA ALA A 356 7.35 -8.81 -20.74
C ALA A 356 8.55 -8.55 -21.65
N ASP A 357 9.06 -7.34 -21.59
CA ASP A 357 10.22 -6.94 -22.38
C ASP A 357 11.43 -7.78 -22.06
N TRP A 358 11.39 -8.46 -20.92
CA TRP A 358 12.51 -9.29 -20.50
C TRP A 358 12.27 -10.78 -20.78
N ASP A 359 11.28 -11.08 -21.60
CA ASP A 359 10.96 -12.46 -21.95
C ASP A 359 11.79 -12.94 -23.13
N1 FMN B . 4.69 3.01 4.02
C2 FMN B . 4.53 2.44 5.27
O2 FMN B . 4.92 1.29 5.50
N3 FMN B . 3.94 3.28 6.22
C4 FMN B . 3.56 4.60 6.00
O4 FMN B . 3.03 5.22 6.92
C4A FMN B . 3.89 5.10 4.69
N5 FMN B . 3.58 6.42 4.51
C5A FMN B . 3.74 6.96 3.27
C6 FMN B . 3.37 8.25 3.11
C7 FMN B . 3.35 8.79 1.85
C7M FMN B . 3.05 10.26 1.69
C8 FMN B . 3.68 8.02 0.76
C8M FMN B . 3.70 8.64 -0.64
C9 FMN B . 4.07 6.70 0.92
C9A FMN B . 4.11 6.17 2.18
N10 FMN B . 4.45 4.84 2.37
C10 FMN B . 4.39 4.31 3.65
C1' FMN B . 4.59 4.02 1.30
C2' FMN B . 3.55 2.91 1.16
O2' FMN B . 2.28 3.18 1.70
C3' FMN B . 3.36 2.32 -0.19
O3' FMN B . 4.43 1.47 -0.49
C4' FMN B . 2.92 3.28 -1.35
O4' FMN B . 3.26 4.63 -1.26
C5' FMN B . 2.84 2.58 -2.74
O5' FMN B . 3.19 3.28 -3.87
P FMN B . 2.35 4.36 -4.64
O1P FMN B . 3.19 4.44 -5.85
O2P FMN B . 2.34 5.59 -3.85
O3P FMN B . 1.05 3.78 -4.85
N1 HST C . 5.73 6.34 7.40
N2 HST C . 6.37 5.38 6.72
N3 HST C . 6.97 5.89 5.65
CB1 HST C . 5.94 7.52 6.73
CB2 HST C . 6.71 7.25 5.62
CB3 HST C . 6.97 8.11 4.39
O1 HST C . 7.59 7.71 3.41
O2 HST C . 6.70 9.44 4.56
S HST C . 5.79 9.11 7.42
C1 HST C . 9.71 14.03 8.19
C2 HST C . 8.30 13.48 7.90
C3 HST C . 8.05 12.08 8.48
C4 HST C . 9.07 11.01 8.04
C5 HST C . 8.42 9.66 7.70
C6 HST C . 7.19 9.29 8.56
C7 HST C . 7.31 7.99 9.39
C8 HST C . 8.63 7.22 9.21
C9 HST C . 9.33 6.93 10.54
C10 HST C . 9.57 5.43 10.79
C11 HST C . 9.23 4.98 12.22
#